data_4ISO
#
_entry.id   4ISO
#
_cell.length_a   61.372
_cell.length_b   61.372
_cell.length_c   178.355
_cell.angle_alpha   90.000
_cell.angle_beta   90.000
_cell.angle_gamma   90.000
#
_symmetry.space_group_name_H-M   'P 43 21 2'
#
loop_
_entity.id
_entity.type
_entity.pdbx_description
1 polymer 'Suppressor of tumorigenicity 14 protein'
2 polymer 'Kunitz-type protease inhibitor 1'
3 non-polymer GLUTATHIONE
4 non-polymer GLYCEROL
5 non-polymer DI(HYDROXYETHYL)ETHER
6 non-polymer 'TRIETHYLENE GLYCOL'
7 water water
#
loop_
_entity_poly.entity_id
_entity_poly.type
_entity_poly.pdbx_seq_one_letter_code
_entity_poly.pdbx_strand_id
1 'polypeptide(L)'
;VVGGTDADEGEWPWQVSLHALGQGHICGASLISPNWLVSAAHCYIDDRGFRYSDPTQWTAFLGLHDQSQRSAPGVQERRL
KRIISHPFFNDFTFDYDIALLELEKPAEYSSMVRPICLPDASHVFPAGKAIWVTGWGHTQYGGTGALILQKGEIRVIQQT
TCENLLPQQITPRMMCVGFLSGGVDSCQGDSGGPLSSVEADGRIFQAGVVSWGDGCAQRNKPGVYTRLPLFRDWIKENTG
V
;
A
2 'polypeptide(L)' QTEDYCLASNKVGRCRGSFPRWYYDPTEQICKSFVYGGCLGNKNNYLREEECILACRGVQ B
#
loop_
_chem_comp.id
_chem_comp.type
_chem_comp.name
_chem_comp.formula
GOL non-polymer GLYCEROL 'C3 H8 O3'
GSH non-polymer GLUTATHIONE 'C10 H17 N3 O6 S'
PEG non-polymer DI(HYDROXYETHYL)ETHER 'C4 H10 O3'
PGE non-polymer 'TRIETHYLENE GLYCOL' 'C6 H14 O4'
#
# COMPACT_ATOMS: atom_id res chain seq x y z
N VAL A 1 8.77 -0.20 -4.50
CA VAL A 1 9.16 -1.43 -5.27
C VAL A 1 10.69 -1.52 -5.28
N VAL A 2 11.21 -2.65 -4.78
CA VAL A 2 12.62 -2.96 -4.75
C VAL A 2 12.88 -3.79 -6.00
N GLY A 3 13.93 -3.46 -6.75
CA GLY A 3 14.32 -4.30 -7.88
C GLY A 3 13.47 -4.11 -9.12
N GLY A 4 12.73 -3.01 -9.20
CA GLY A 4 11.88 -2.75 -10.35
C GLY A 4 12.53 -1.79 -11.32
N THR A 5 11.75 -1.25 -12.25
CA THR A 5 12.27 -0.27 -13.22
C THR A 5 11.19 0.76 -13.42
N ASP A 6 11.53 1.89 -14.05
CA ASP A 6 10.53 2.92 -14.34
C ASP A 6 9.39 2.39 -15.19
N ALA A 7 8.15 2.63 -14.75
CA ALA A 7 7.02 2.34 -15.61
C ALA A 7 7.01 3.29 -16.82
N ASP A 8 6.48 2.81 -17.96
CA ASP A 8 6.13 3.67 -19.11
C ASP A 8 4.96 4.62 -18.78
N GLU A 9 4.95 5.82 -19.36
CA GLU A 9 3.76 6.68 -19.22
C GLU A 9 2.56 6.02 -19.89
N GLY A 10 1.44 5.92 -19.17
CA GLY A 10 0.24 5.29 -19.71
C GLY A 10 0.22 3.78 -19.51
N GLU A 11 1.26 3.23 -18.90
CA GLU A 11 1.36 1.77 -18.81
C GLU A 11 0.40 1.16 -17.78
N TRP A 12 0.20 1.82 -16.65
CA TRP A 12 -0.72 1.33 -15.60
C TRP A 12 -1.74 2.42 -15.27
N PRO A 13 -2.73 2.67 -16.16
CA PRO A 13 -3.63 3.84 -16.02
C PRO A 13 -4.63 3.64 -14.90
N TRP A 14 -4.61 2.46 -14.28
CA TRP A 14 -5.43 2.18 -13.10
C TRP A 14 -4.70 2.49 -11.78
N GLN A 15 -3.37 2.69 -11.83
CA GLN A 15 -2.62 2.97 -10.60
C GLN A 15 -2.96 4.36 -10.07
N VAL A 16 -3.26 4.43 -8.77
CA VAL A 16 -3.63 5.67 -8.12
C VAL A 16 -2.71 5.95 -6.92
N SER A 17 -2.41 7.22 -6.67
CA SER A 17 -1.63 7.64 -5.49
C SER A 17 -2.53 8.35 -4.46
N LEU A 18 -2.59 7.84 -3.23
CA LEU A 18 -3.35 8.48 -2.15
C LEU A 18 -2.48 9.30 -1.16
N HIS A 19 -2.80 10.59 -1.07
CA HIS A 19 -2.12 11.54 -0.18
C HIS A 19 -3.03 11.95 0.96
N ALA A 20 -2.49 11.89 2.17
CA ALA A 20 -3.18 12.32 3.37
C ALA A 20 -2.74 13.73 3.73
N LEU A 21 -3.63 14.50 4.35
CA LEU A 21 -3.39 15.92 4.61
C LEU A 21 -2.06 16.16 5.34
N GLY A 22 -1.20 16.96 4.72
CA GLY A 22 0.10 17.34 5.34
C GLY A 22 1.18 16.27 5.29
N GLN A 23 0.92 15.17 4.60
CA GLN A 23 1.74 13.96 4.73
C GLN A 23 2.24 13.37 3.41
N GLY A 24 1.72 13.88 2.30
CA GLY A 24 2.05 13.37 0.97
C GLY A 24 1.60 11.93 0.75
N HIS A 25 2.24 11.25 -0.19
CA HIS A 25 1.80 9.92 -0.59
C HIS A 25 1.94 8.92 0.54
N ILE A 26 0.85 8.22 0.84
CA ILE A 26 0.82 7.19 1.90
C ILE A 26 0.61 5.75 1.33
N CYS A 27 -0.27 5.61 0.35
N CYS A 27 -0.25 5.56 0.37
CA CYS A 27 -0.72 4.32 -0.16
CA CYS A 27 -0.36 4.31 -0.28
C CYS A 27 -1.10 4.45 -1.61
C CYS A 27 -1.06 4.43 -1.60
N GLY A 28 -1.04 3.34 -2.32
CA GLY A 28 -1.63 3.25 -3.64
C GLY A 28 -3.08 2.77 -3.59
N ALA A 29 -3.67 2.71 -4.77
CA ALA A 29 -5.02 2.17 -4.95
C ALA A 29 -5.14 1.87 -6.43
N SER A 30 -6.26 1.25 -6.81
CA SER A 30 -6.53 0.93 -8.20
C SER A 30 -7.92 1.41 -8.59
N LEU A 31 -8.04 1.99 -9.76
CA LEU A 31 -9.34 2.44 -10.27
C LEU A 31 -10.06 1.25 -10.86
N ILE A 32 -11.31 1.02 -10.44
CA ILE A 32 -12.10 -0.13 -10.92
C ILE A 32 -13.39 0.27 -11.68
N SER A 33 -13.76 1.56 -11.61
CA SER A 33 -14.93 2.14 -12.30
C SER A 33 -14.80 3.67 -12.21
N PRO A 34 -15.77 4.45 -12.77
CA PRO A 34 -15.56 5.89 -12.71
C PRO A 34 -15.52 6.43 -11.29
N ASN A 35 -16.17 5.74 -10.37
CA ASN A 35 -16.41 6.28 -9.06
C ASN A 35 -15.68 5.58 -7.91
N TRP A 36 -15.08 4.42 -8.19
CA TRP A 36 -14.53 3.56 -7.12
C TRP A 36 -13.08 3.10 -7.30
N LEU A 37 -12.37 2.97 -6.18
CA LEU A 37 -11.00 2.43 -6.10
C LEU A 37 -10.97 1.26 -5.12
N VAL A 38 -10.01 0.35 -5.31
CA VAL A 38 -9.73 -0.69 -4.32
C VAL A 38 -8.40 -0.30 -3.69
N SER A 39 -8.27 -0.48 -2.39
CA SER A 39 -7.02 -0.20 -1.71
C SER A 39 -6.94 -1.11 -0.51
N ALA A 40 -5.97 -0.87 0.37
CA ALA A 40 -5.77 -1.69 1.56
C ALA A 40 -6.42 -1.04 2.79
N ALA A 41 -7.13 -1.83 3.59
CA ALA A 41 -7.77 -1.34 4.83
C ALA A 41 -6.81 -0.70 5.84
N HIS A 42 -5.60 -1.26 5.97
CA HIS A 42 -4.67 -0.77 6.98
C HIS A 42 -4.16 0.62 6.67
N CYS A 43 -4.40 1.13 5.47
CA CYS A 43 -4.08 2.54 5.19
C CYS A 43 -5.04 3.54 5.84
N TYR A 44 -6.22 3.08 6.28
CA TYR A 44 -7.33 4.02 6.58
C TYR A 44 -7.89 3.82 7.97
N ILE A 45 -6.99 3.62 8.93
CA ILE A 45 -7.39 3.36 10.31
C ILE A 45 -7.04 4.57 11.16
N ASP A 46 -8.02 5.07 11.90
CA ASP A 46 -7.80 6.18 12.84
C ASP A 46 -6.75 5.79 13.85
N ASP A 47 -5.85 6.71 14.14
CA ASP A 47 -5.03 6.47 15.31
C ASP A 47 -5.07 7.64 16.25
N ARG A 48 -4.22 7.56 17.27
CA ARG A 48 -4.09 8.57 18.30
C ARG A 48 -4.02 10.01 17.77
N GLY A 49 -3.35 10.21 16.64
CA GLY A 49 -3.08 11.56 16.15
C GLY A 49 -3.83 12.07 14.94
N PHE A 50 -4.46 11.17 14.18
CA PHE A 50 -5.00 11.59 12.89
C PHE A 50 -6.05 10.59 12.42
N ARG A 51 -7.10 11.10 11.80
CA ARG A 51 -8.24 10.30 11.41
C ARG A 51 -8.12 9.78 10.00
N TYR A 52 -7.32 8.72 9.84
CA TYR A 52 -7.07 8.20 8.48
C TYR A 52 -8.34 7.56 7.88
N SER A 53 -9.34 7.26 8.72
CA SER A 53 -10.62 6.71 8.21
C SER A 53 -11.54 7.80 7.67
N ASP A 54 -11.17 9.05 7.90
CA ASP A 54 -12.01 10.15 7.47
C ASP A 54 -11.70 10.53 6.01
N PRO A 55 -12.69 10.33 5.11
CA PRO A 55 -12.47 10.51 3.67
C PRO A 55 -12.08 11.93 3.28
N THR A 56 -12.48 12.93 4.08
CA THR A 56 -12.10 14.35 3.79
C THR A 56 -10.60 14.62 3.92
N GLN A 57 -9.85 13.70 4.53
CA GLN A 57 -8.42 13.92 4.82
C GLN A 57 -7.51 13.51 3.67
N TRP A 58 -8.10 13.00 2.58
CA TRP A 58 -7.33 12.39 1.49
C TRP A 58 -7.54 13.03 0.13
N THR A 59 -6.51 12.94 -0.70
CA THR A 59 -6.64 13.28 -2.10
C THR A 59 -6.08 12.14 -2.94
N ALA A 60 -6.83 11.73 -3.94
CA ALA A 60 -6.36 10.70 -4.88
C ALA A 60 -5.83 11.37 -6.15
N PHE A 61 -4.67 10.93 -6.60
CA PHE A 61 -4.13 11.38 -7.89
C PHE A 61 -4.22 10.22 -8.87
N LEU A 62 -4.97 10.43 -9.96
CA LEU A 62 -5.08 9.46 -11.03
C LEU A 62 -4.30 9.97 -12.21
N GLY A 63 -3.76 9.05 -13.01
CA GLY A 63 -3.02 9.44 -14.19
C GLY A 63 -1.65 10.00 -13.87
N LEU A 64 -1.18 9.73 -12.65
CA LEU A 64 0.11 10.26 -12.19
C LEU A 64 1.25 9.35 -12.61
N HIS A 65 2.34 9.95 -13.08
CA HIS A 65 3.55 9.22 -13.40
C HIS A 65 4.69 9.54 -12.42
N ASP A 66 4.88 10.83 -12.15
CA ASP A 66 6.04 11.33 -11.41
C ASP A 66 5.46 12.17 -10.27
N GLN A 67 5.74 11.79 -9.04
CA GLN A 67 5.22 12.53 -7.87
C GLN A 67 5.63 14.00 -7.80
N SER A 68 6.69 14.37 -8.54
CA SER A 68 7.17 15.76 -8.57
C SER A 68 6.43 16.56 -9.64
N GLN A 69 5.62 15.86 -10.45
CA GLN A 69 4.86 16.49 -11.54
C GLN A 69 3.38 16.24 -11.39
N ARG A 70 2.78 16.70 -10.31
CA ARG A 70 1.41 16.37 -10.05
C ARG A 70 0.40 17.24 -10.82
N SER A 71 0.89 18.24 -11.55
CA SER A 71 0.02 18.99 -12.46
C SER A 71 0.37 18.79 -13.93
N ALA A 72 1.06 17.68 -14.24
CA ALA A 72 1.24 17.28 -15.62
C ALA A 72 -0.12 17.11 -16.32
N PRO A 73 -0.16 17.36 -17.65
CA PRO A 73 -1.37 17.13 -18.45
C PRO A 73 -1.86 15.71 -18.24
N GLY A 74 -3.15 15.55 -17.95
CA GLY A 74 -3.71 14.20 -17.78
C GLY A 74 -3.76 13.68 -16.34
N VAL A 75 -3.11 14.39 -15.41
CA VAL A 75 -3.25 14.04 -14.00
C VAL A 75 -4.61 14.53 -13.53
N GLN A 76 -5.32 13.69 -12.80
CA GLN A 76 -6.64 14.07 -12.31
C GLN A 76 -6.54 13.97 -10.82
N GLU A 77 -7.01 15.02 -10.15
CA GLU A 77 -7.00 15.07 -8.71
C GLU A 77 -8.44 14.90 -8.19
N ARG A 78 -8.64 14.05 -7.19
CA ARG A 78 -9.98 13.82 -6.65
C ARG A 78 -10.00 13.75 -5.14
N ARG A 79 -11.05 14.27 -4.55
CA ARG A 79 -11.29 14.08 -3.14
C ARG A 79 -12.04 12.76 -2.99
N LEU A 80 -12.10 12.24 -1.77
CA LEU A 80 -12.87 11.05 -1.49
C LEU A 80 -14.16 11.39 -0.78
N LYS A 81 -15.20 10.64 -1.12
CA LYS A 81 -16.47 10.76 -0.46
C LYS A 81 -16.61 9.72 0.65
N ARG A 82 -16.05 8.54 0.41
CA ARG A 82 -16.24 7.40 1.29
C ARG A 82 -15.07 6.45 1.34
N ILE A 83 -14.85 5.87 2.50
CA ILE A 83 -13.88 4.80 2.65
C ILE A 83 -14.62 3.66 3.32
N ILE A 84 -14.70 2.52 2.65
CA ILE A 84 -15.35 1.33 3.23
C ILE A 84 -14.32 0.24 3.49
N SER A 85 -13.95 0.03 4.76
CA SER A 85 -13.01 -1.02 5.10
C SER A 85 -13.73 -2.35 5.26
N HIS A 86 -13.09 -3.44 4.86
CA HIS A 86 -13.75 -4.74 5.06
C HIS A 86 -14.13 -4.92 6.54
N PRO A 87 -15.41 -5.26 6.79
CA PRO A 87 -15.90 -5.39 8.16
C PRO A 87 -15.09 -6.40 8.99
N PHE A 88 -14.46 -7.38 8.34
CA PHE A 88 -13.63 -8.36 9.04
C PHE A 88 -12.12 -8.03 9.16
N PHE A 89 -11.71 -6.85 8.68
CA PHE A 89 -10.31 -6.45 8.79
C PHE A 89 -9.78 -6.52 10.22
N ASN A 90 -8.64 -7.17 10.41
CA ASN A 90 -7.98 -7.24 11.72
C ASN A 90 -6.65 -6.50 11.63
N ASP A 91 -6.51 -5.43 12.41
CA ASP A 91 -5.33 -4.54 12.33
C ASP A 91 -4.12 -5.13 13.04
N PHE A 92 -4.29 -6.33 13.58
CA PHE A 92 -3.22 -7.02 14.27
C PHE A 92 -2.66 -8.24 13.50
N THR A 93 -3.53 -9.00 12.82
CA THR A 93 -3.11 -10.10 11.95
C THR A 93 -3.04 -9.73 10.47
N PHE A 94 -3.66 -8.61 10.12
CA PHE A 94 -3.75 -8.07 8.75
C PHE A 94 -4.70 -8.90 7.87
N ASP A 95 -5.52 -9.75 8.50
CA ASP A 95 -6.52 -10.53 7.78
C ASP A 95 -7.58 -9.60 7.16
N TYR A 96 -8.10 -9.96 5.98
CA TYR A 96 -9.12 -9.20 5.26
C TYR A 96 -8.71 -7.75 4.97
N ASP A 97 -7.47 -7.55 4.51
CA ASP A 97 -6.88 -6.22 4.33
C ASP A 97 -7.27 -5.63 2.97
N ILE A 98 -8.48 -5.11 2.90
CA ILE A 98 -8.99 -4.55 1.66
C ILE A 98 -10.02 -3.45 2.00
N ALA A 99 -10.02 -2.38 1.21
CA ALA A 99 -10.94 -1.25 1.39
C ALA A 99 -11.41 -0.78 0.04
N LEU A 100 -12.57 -0.13 0.04
CA LEU A 100 -13.15 0.45 -1.17
C LEU A 100 -13.23 1.93 -0.97
N LEU A 101 -12.77 2.70 -1.95
CA LEU A 101 -12.79 4.17 -1.79
C LEU A 101 -13.66 4.80 -2.86
N GLU A 102 -14.65 5.56 -2.41
CA GLU A 102 -15.50 6.26 -3.35
C GLU A 102 -14.98 7.67 -3.60
N LEU A 103 -14.80 8.00 -4.87
CA LEU A 103 -14.35 9.32 -5.31
C LEU A 103 -15.49 10.32 -5.14
N GLU A 104 -15.14 11.58 -4.89
CA GLU A 104 -16.13 12.64 -4.69
C GLU A 104 -16.71 13.07 -6.03
N LYS A 105 -15.94 12.87 -7.08
CA LYS A 105 -16.47 13.05 -8.42
C LYS A 105 -15.81 12.06 -9.39
N PRO A 106 -16.53 11.66 -10.46
CA PRO A 106 -16.03 10.59 -11.33
C PRO A 106 -14.69 10.89 -11.98
N ALA A 107 -13.91 9.84 -12.19
CA ALA A 107 -12.73 9.93 -13.02
C ALA A 107 -13.18 9.99 -14.47
N GLU A 108 -12.44 10.75 -15.28
CA GLU A 108 -12.64 10.81 -16.71
C GLU A 108 -11.65 9.87 -17.40
N TYR A 109 -12.15 8.86 -18.12
CA TYR A 109 -11.25 7.90 -18.76
C TYR A 109 -10.46 8.57 -19.87
N SER A 110 -9.19 8.20 -20.01
CA SER A 110 -8.30 8.90 -20.93
C SER A 110 -7.19 7.94 -21.27
N SER A 111 -6.22 8.38 -22.08
CA SER A 111 -5.05 7.55 -22.34
C SER A 111 -4.22 7.29 -21.09
N MET A 112 -4.46 8.07 -20.04
CA MET A 112 -3.68 7.96 -18.82
C MET A 112 -4.45 7.45 -17.60
N VAL A 113 -5.77 7.38 -17.72
CA VAL A 113 -6.65 6.99 -16.62
C VAL A 113 -7.68 6.00 -17.14
N ARG A 114 -7.63 4.77 -16.63
CA ARG A 114 -8.50 3.70 -17.10
C ARG A 114 -8.57 2.62 -16.02
N PRO A 115 -9.74 1.96 -15.83
CA PRO A 115 -9.86 0.99 -14.75
C PRO A 115 -9.19 -0.32 -15.10
N ILE A 116 -8.80 -1.06 -14.06
CA ILE A 116 -8.31 -2.41 -14.25
C ILE A 116 -9.53 -3.35 -14.28
N CYS A 117 -9.43 -4.50 -14.96
CA CYS A 117 -10.51 -5.51 -14.88
C CYS A 117 -10.48 -6.27 -13.57
N LEU A 118 -11.66 -6.61 -13.06
CA LEU A 118 -11.75 -7.42 -11.86
C LEU A 118 -12.02 -8.88 -12.23
N PRO A 119 -11.29 -9.83 -11.57
CA PRO A 119 -11.51 -11.26 -11.89
C PRO A 119 -12.80 -11.79 -11.30
N ASP A 120 -13.40 -12.78 -11.93
CA ASP A 120 -14.61 -13.30 -11.33
C ASP A 120 -14.32 -14.12 -10.07
N ALA A 121 -15.34 -14.30 -9.24
CA ALA A 121 -15.18 -14.90 -7.92
C ALA A 121 -14.49 -16.26 -7.93
N SER A 122 -14.66 -17.01 -9.01
CA SER A 122 -14.08 -18.36 -9.02
C SER A 122 -12.69 -18.40 -9.63
N HIS A 123 -12.16 -17.27 -10.11
CA HIS A 123 -10.86 -17.32 -10.76
C HIS A 123 -9.71 -17.69 -9.79
N VAL A 124 -8.75 -18.45 -10.30
CA VAL A 124 -7.54 -18.76 -9.55
C VAL A 124 -6.33 -18.24 -10.30
N PHE A 125 -5.50 -17.46 -9.63
CA PHE A 125 -4.23 -17.03 -10.22
C PHE A 125 -3.23 -18.13 -9.94
N PRO A 126 -2.72 -18.83 -10.99
CA PRO A 126 -2.02 -20.09 -10.67
C PRO A 126 -0.60 -19.89 -10.13
N ALA A 127 -0.13 -20.84 -9.35
CA ALA A 127 1.21 -20.74 -8.80
C ALA A 127 2.23 -20.65 -9.95
N GLY A 128 3.24 -19.81 -9.79
CA GLY A 128 4.25 -19.64 -10.80
C GLY A 128 3.96 -18.54 -11.82
N LYS A 129 2.71 -18.07 -11.95
CA LYS A 129 2.43 -17.09 -12.99
C LYS A 129 3.16 -15.75 -12.71
N ALA A 130 3.75 -15.19 -13.77
CA ALA A 130 4.44 -13.88 -13.68
C ALA A 130 3.40 -12.80 -13.65
N ILE A 131 3.40 -11.96 -12.61
CA ILE A 131 2.51 -10.81 -12.57
C ILE A 131 3.29 -9.54 -12.15
N TRP A 132 2.62 -8.41 -12.14
CA TRP A 132 3.31 -7.13 -11.95
C TRP A 132 2.81 -6.43 -10.71
N VAL A 133 3.74 -5.83 -9.97
CA VAL A 133 3.37 -4.95 -8.87
C VAL A 133 3.92 -3.55 -9.22
N THR A 134 3.18 -2.52 -8.85
CA THR A 134 3.56 -1.17 -9.25
C THR A 134 3.38 -0.23 -8.08
N GLY A 135 4.18 0.84 -8.03
CA GLY A 135 3.99 1.82 -6.95
C GLY A 135 5.15 2.79 -6.78
N TRP A 136 4.97 3.74 -5.88
CA TRP A 136 5.93 4.81 -5.65
C TRP A 136 6.68 4.54 -4.33
N GLY A 137 6.54 3.33 -3.78
CA GLY A 137 7.16 3.00 -2.52
C GLY A 137 8.68 2.91 -2.55
N HIS A 138 9.25 2.54 -1.39
CA HIS A 138 10.70 2.44 -1.21
C HIS A 138 11.41 1.48 -2.16
N THR A 139 12.63 1.84 -2.56
CA THR A 139 13.40 1.00 -3.46
C THR A 139 14.33 0.09 -2.64
N GLN A 140 14.21 0.17 -1.31
CA GLN A 140 14.92 -0.69 -0.38
C GLN A 140 14.24 -0.52 0.98
N TYR A 141 14.16 -1.60 1.77
CA TYR A 141 13.58 -1.51 3.11
C TYR A 141 14.34 -0.45 3.92
N GLY A 142 13.60 0.49 4.50
CA GLY A 142 14.21 1.57 5.27
C GLY A 142 14.90 2.60 4.41
N GLY A 143 14.67 2.53 3.10
CA GLY A 143 15.32 3.41 2.18
C GLY A 143 14.27 4.38 1.68
N THR A 144 14.45 5.20 0.34
CA THR A 144 13.69 6.35 -0.08
C THR A 144 12.77 5.88 -1.19
N GLY A 145 11.69 6.64 -1.40
CA GLY A 145 10.68 6.33 -2.39
C GLY A 145 11.18 6.62 -3.79
N ALA A 146 10.29 6.45 -4.76
CA ALA A 146 10.59 6.66 -6.15
C ALA A 146 9.69 7.80 -6.61
N LEU A 147 10.27 8.79 -7.28
CA LEU A 147 9.44 9.84 -7.91
C LEU A 147 8.62 9.26 -9.06
N ILE A 148 9.26 8.46 -9.90
CA ILE A 148 8.63 7.83 -11.08
C ILE A 148 8.06 6.50 -10.65
N LEU A 149 6.81 6.21 -11.02
CA LEU A 149 6.19 4.92 -10.72
C LEU A 149 7.10 3.77 -11.12
N GLN A 150 7.27 2.80 -10.23
CA GLN A 150 8.06 1.64 -10.51
C GLN A 150 7.17 0.45 -10.84
N LYS A 151 7.70 -0.44 -11.68
CA LYS A 151 7.05 -1.72 -11.95
C LYS A 151 8.05 -2.84 -11.65
N GLY A 152 7.54 -3.96 -11.12
CA GLY A 152 8.34 -5.12 -10.87
C GLY A 152 7.58 -6.39 -11.22
N GLU A 153 8.25 -7.29 -11.94
CA GLU A 153 7.64 -8.56 -12.31
C GLU A 153 7.96 -9.60 -11.24
N ILE A 154 6.92 -10.22 -10.70
CA ILE A 154 7.04 -11.19 -9.60
C ILE A 154 6.23 -12.45 -9.92
N ARG A 155 6.36 -13.49 -9.10
CA ARG A 155 5.65 -14.74 -9.38
C ARG A 155 4.80 -15.18 -8.20
N VAL A 156 3.60 -15.70 -8.53
CA VAL A 156 2.71 -16.29 -7.54
C VAL A 156 3.38 -17.51 -6.91
N ILE A 157 3.39 -17.54 -5.58
CA ILE A 157 4.01 -18.60 -4.82
C ILE A 157 2.92 -19.51 -4.25
N GLN A 158 3.20 -20.82 -4.23
CA GLN A 158 2.28 -21.83 -3.67
C GLN A 158 1.89 -21.47 -2.26
N GLN A 159 0.59 -21.52 -1.95
CA GLN A 159 0.12 -21.21 -0.61
C GLN A 159 0.83 -22.04 0.48
N THR A 160 1.07 -23.31 0.24
CA THR A 160 1.68 -24.11 1.26
C THR A 160 3.09 -23.63 1.59
N THR A 161 3.87 -23.38 0.57
CA THR A 161 5.22 -22.80 0.72
C THR A 161 5.18 -21.45 1.50
N CYS A 162 4.25 -20.59 1.08
CA CYS A 162 3.98 -19.29 1.72
C CYS A 162 3.77 -19.43 3.23
N GLU A 163 2.88 -20.35 3.62
CA GLU A 163 2.59 -20.60 5.03
C GLU A 163 3.82 -21.08 5.79
N ASN A 164 4.57 -21.98 5.17
CA ASN A 164 5.79 -22.50 5.77
C ASN A 164 6.91 -21.47 5.90
N LEU A 165 7.00 -20.56 4.93
CA LEU A 165 7.97 -19.48 4.96
C LEU A 165 7.64 -18.43 6.02
N LEU A 166 6.34 -18.24 6.26
CA LEU A 166 5.89 -17.22 7.20
C LEU A 166 4.95 -17.86 8.21
N PRO A 167 5.50 -18.66 9.15
CA PRO A 167 4.61 -19.51 9.96
C PRO A 167 3.72 -18.73 10.90
N GLN A 168 2.50 -19.23 11.11
CA GLN A 168 1.48 -18.57 11.94
C GLN A 168 1.08 -17.17 11.47
N GLN A 169 1.24 -16.87 10.18
CA GLN A 169 0.99 -15.49 9.71
C GLN A 169 0.12 -15.38 8.47
N ILE A 170 -0.06 -16.47 7.75
CA ILE A 170 -0.76 -16.46 6.48
C ILE A 170 -2.19 -17.02 6.65
N THR A 171 -3.20 -16.27 6.20
CA THR A 171 -4.58 -16.79 6.25
C THR A 171 -5.03 -17.08 4.82
N PRO A 172 -6.22 -17.68 4.67
CA PRO A 172 -6.61 -17.89 3.28
C PRO A 172 -6.96 -16.60 2.52
N ARG A 173 -7.05 -15.44 3.18
CA ARG A 173 -7.31 -14.18 2.44
C ARG A 173 -6.03 -13.64 1.78
N MET A 174 -4.90 -14.27 2.09
CA MET A 174 -3.59 -13.77 1.68
C MET A 174 -2.95 -14.64 0.61
N MET A 175 -2.07 -14.01 -0.18
CA MET A 175 -1.30 -14.73 -1.20
C MET A 175 0.13 -14.19 -1.22
N CYS A 176 1.11 -15.08 -1.27
CA CYS A 176 2.53 -14.67 -1.40
C CYS A 176 2.85 -14.53 -2.89
N VAL A 177 3.49 -13.42 -3.26
CA VAL A 177 3.93 -13.16 -4.63
C VAL A 177 5.31 -12.55 -4.56
N GLY A 178 6.24 -13.03 -5.36
CA GLY A 178 7.61 -12.52 -5.29
C GLY A 178 8.58 -13.55 -5.83
N PHE A 179 9.73 -13.68 -5.18
CA PHE A 179 10.74 -14.67 -5.57
C PHE A 179 11.33 -15.20 -4.28
N LEU A 180 11.45 -16.52 -4.21
CA LEU A 180 12.13 -17.14 -3.09
C LEU A 180 13.60 -16.70 -3.03
N SER A 181 14.19 -16.36 -4.18
CA SER A 181 15.54 -15.79 -4.23
C SER A 181 15.58 -14.28 -3.85
N GLY A 182 14.42 -13.69 -3.53
CA GLY A 182 14.30 -12.28 -3.14
C GLY A 182 14.67 -11.34 -4.28
N GLY A 183 15.01 -10.08 -3.96
CA GLY A 183 15.56 -9.13 -4.96
C GLY A 183 14.53 -8.22 -5.62
N VAL A 184 13.30 -8.71 -5.77
CA VAL A 184 12.20 -7.93 -6.36
C VAL A 184 10.98 -8.08 -5.43
N ASP A 185 10.37 -6.96 -5.02
CA ASP A 185 9.30 -6.99 -4.04
C ASP A 185 8.63 -5.61 -3.96
N SER A 186 7.42 -5.56 -3.39
CA SER A 186 6.83 -4.27 -3.09
C SER A 186 7.47 -3.84 -1.76
N CYS A 187 7.24 -2.60 -1.36
CA CYS A 187 7.85 -2.10 -0.10
C CYS A 187 7.01 -0.95 0.50
N GLN A 188 7.45 -0.35 1.60
CA GLN A 188 6.68 0.77 2.20
C GLN A 188 6.38 1.87 1.20
N GLY A 189 5.12 2.29 1.14
CA GLY A 189 4.59 3.20 0.12
C GLY A 189 3.82 2.51 -1.02
N ASP A 190 3.96 1.20 -1.14
CA ASP A 190 3.25 0.46 -2.19
C ASP A 190 1.90 -0.11 -1.73
N SER A 191 1.66 -0.18 -0.41
CA SER A 191 0.39 -0.77 0.13
C SER A 191 -0.82 -0.23 -0.61
N GLY A 192 -1.78 -1.12 -0.86
CA GLY A 192 -3.03 -0.69 -1.48
C GLY A 192 -3.03 -0.67 -2.98
N GLY A 193 -1.84 -0.69 -3.59
CA GLY A 193 -1.73 -0.77 -5.02
C GLY A 193 -2.06 -2.17 -5.54
N PRO A 194 -2.35 -2.28 -6.84
CA PRO A 194 -2.78 -3.57 -7.41
C PRO A 194 -1.65 -4.42 -7.91
N LEU A 195 -1.86 -5.72 -7.82
CA LEU A 195 -1.14 -6.67 -8.64
C LEU A 195 -1.82 -6.70 -9.98
N SER A 196 -1.05 -6.58 -11.06
CA SER A 196 -1.62 -6.57 -12.39
C SER A 196 -1.25 -7.85 -13.11
N SER A 197 -2.26 -8.60 -13.58
CA SER A 197 -2.05 -9.90 -14.29
C SER A 197 -2.59 -9.85 -15.69
N VAL A 198 -1.74 -10.17 -16.67
CA VAL A 198 -2.17 -10.28 -18.05
C VAL A 198 -2.98 -11.59 -18.21
N GLU A 199 -4.21 -11.44 -18.72
CA GLU A 199 -5.11 -12.57 -18.81
C GLU A 199 -5.31 -13.06 -20.26
N ALA A 200 -6.26 -13.99 -20.47
CA ALA A 200 -6.29 -14.77 -21.72
C ALA A 200 -6.54 -13.93 -22.98
N ASP A 201 -7.24 -12.81 -22.83
CA ASP A 201 -7.41 -11.85 -23.95
C ASP A 201 -6.30 -10.78 -24.07
N GLY A 202 -5.30 -10.85 -23.22
CA GLY A 202 -4.30 -9.79 -23.20
C GLY A 202 -4.70 -8.61 -22.32
N ARG A 203 -5.94 -8.58 -21.82
CA ARG A 203 -6.33 -7.52 -20.85
C ARG A 203 -5.77 -7.76 -19.44
N ILE A 204 -5.67 -6.70 -18.66
CA ILE A 204 -5.08 -6.85 -17.33
C ILE A 204 -6.11 -6.90 -16.23
N PHE A 205 -5.97 -7.89 -15.36
CA PHE A 205 -6.92 -8.09 -14.28
C PHE A 205 -6.19 -7.89 -12.95
N GLN A 206 -6.91 -7.44 -11.94
CA GLN A 206 -6.27 -7.26 -10.64
C GLN A 206 -6.20 -8.59 -9.90
N ALA A 207 -4.99 -8.99 -9.50
CA ALA A 207 -4.77 -10.25 -8.81
C ALA A 207 -4.78 -10.16 -7.28
N GLY A 208 -4.62 -8.94 -6.76
CA GLY A 208 -4.61 -8.73 -5.33
C GLY A 208 -4.20 -7.33 -4.96
N VAL A 209 -3.97 -7.11 -3.67
CA VAL A 209 -3.71 -5.77 -3.10
C VAL A 209 -2.42 -5.87 -2.26
N VAL A 210 -1.50 -4.94 -2.50
CA VAL A 210 -0.26 -4.89 -1.71
C VAL A 210 -0.61 -4.73 -0.25
N SER A 211 -0.10 -5.62 0.59
CA SER A 211 -0.50 -5.59 2.00
C SER A 211 0.70 -5.46 2.95
N TRP A 212 1.52 -6.52 3.04
CA TRP A 212 2.59 -6.53 4.06
C TRP A 212 3.76 -7.41 3.66
N GLY A 213 4.79 -7.38 4.47
CA GLY A 213 5.98 -8.15 4.28
C GLY A 213 6.92 -8.08 5.47
N ASP A 214 7.77 -9.07 5.58
CA ASP A 214 8.84 -9.08 6.57
C ASP A 214 10.07 -8.51 5.90
N GLY A 215 10.36 -7.25 6.15
CA GLY A 215 11.29 -6.49 5.36
C GLY A 215 10.82 -6.34 3.90
N CYS A 216 11.74 -6.19 2.97
CA CYS A 216 11.43 -6.22 1.56
C CYS A 216 12.53 -6.84 0.73
N ALA A 217 12.11 -7.65 -0.22
CA ALA A 217 12.99 -8.29 -1.18
C ALA A 217 13.98 -9.30 -0.55
N GLN A 218 13.73 -9.76 0.67
CA GLN A 218 14.63 -10.73 1.32
C GLN A 218 14.40 -12.12 0.79
N ARG A 219 15.42 -12.96 0.86
CA ARG A 219 15.31 -14.37 0.47
C ARG A 219 14.24 -15.08 1.30
N ASN A 220 13.45 -15.94 0.65
CA ASN A 220 12.36 -16.65 1.32
C ASN A 220 11.39 -15.80 2.14
N LYS A 221 11.25 -14.53 1.78
CA LYS A 221 10.33 -13.62 2.48
C LYS A 221 9.60 -12.80 1.43
N PRO A 222 8.78 -13.46 0.60
CA PRO A 222 8.07 -12.76 -0.47
C PRO A 222 6.99 -11.87 0.12
N GLY A 223 6.57 -10.90 -0.69
CA GLY A 223 5.51 -9.96 -0.33
C GLY A 223 4.21 -10.74 -0.13
N VAL A 224 3.39 -10.26 0.78
CA VAL A 224 2.09 -10.86 1.01
C VAL A 224 0.97 -9.88 0.57
N TYR A 225 -0.02 -10.41 -0.15
CA TYR A 225 -1.02 -9.60 -0.85
C TYR A 225 -2.42 -10.09 -0.49
N THR A 226 -3.40 -9.19 -0.48
CA THR A 226 -4.78 -9.63 -0.29
C THR A 226 -5.29 -10.18 -1.61
N ARG A 227 -5.90 -11.36 -1.58
CA ARG A 227 -6.57 -11.98 -2.76
C ARG A 227 -7.73 -11.13 -3.26
N LEU A 228 -7.96 -11.14 -4.56
CA LEU A 228 -9.08 -10.38 -5.11
C LEU A 228 -10.36 -11.21 -5.37
N PRO A 229 -10.21 -12.40 -6.00
CA PRO A 229 -11.41 -13.16 -6.39
C PRO A 229 -12.40 -13.39 -5.23
N LEU A 230 -11.95 -13.74 -4.04
CA LEU A 230 -12.93 -13.99 -3.00
C LEU A 230 -13.70 -12.76 -2.54
N PHE A 231 -13.21 -11.55 -2.89
CA PHE A 231 -13.93 -10.31 -2.60
C PHE A 231 -14.79 -9.77 -3.72
N ARG A 232 -14.93 -10.52 -4.81
CA ARG A 232 -15.67 -10.03 -5.95
C ARG A 232 -17.13 -9.66 -5.61
N ASP A 233 -17.82 -10.55 -4.91
CA ASP A 233 -19.21 -10.30 -4.52
C ASP A 233 -19.37 -9.13 -3.55
N TRP A 234 -18.46 -9.03 -2.57
CA TRP A 234 -18.44 -7.92 -1.59
C TRP A 234 -18.25 -6.59 -2.33
N ILE A 235 -17.36 -6.58 -3.31
CA ILE A 235 -17.15 -5.39 -4.13
C ILE A 235 -18.41 -5.05 -4.91
N LYS A 236 -19.03 -6.06 -5.52
CA LYS A 236 -20.29 -5.83 -6.22
C LYS A 236 -21.41 -5.33 -5.29
N GLU A 237 -21.57 -5.98 -4.13
CA GLU A 237 -22.59 -5.60 -3.14
C GLU A 237 -22.46 -4.12 -2.76
N ASN A 238 -21.21 -3.64 -2.71
CA ASN A 238 -20.96 -2.32 -2.14
C ASN A 238 -20.90 -1.22 -3.18
N THR A 239 -20.53 -1.58 -4.40
CA THR A 239 -20.22 -0.58 -5.43
C THR A 239 -21.10 -0.70 -6.67
N GLY A 240 -21.72 -1.86 -6.88
CA GLY A 240 -22.42 -2.15 -8.12
C GLY A 240 -21.47 -2.50 -9.26
N VAL A 241 -20.17 -2.53 -8.98
CA VAL A 241 -19.18 -2.78 -10.02
C VAL A 241 -18.87 -4.29 -10.05
N GLN B 1 6.72 4.74 30.51
CA GLN B 1 6.61 5.97 29.69
C GLN B 1 7.93 6.28 28.94
N THR B 2 8.94 6.84 29.60
CA THR B 2 10.11 7.33 28.85
C THR B 2 10.85 6.23 28.07
N GLU B 3 11.00 5.06 28.68
CA GLU B 3 11.56 3.92 28.00
C GLU B 3 10.87 3.67 26.66
N ASP B 4 9.54 3.66 26.67
CA ASP B 4 8.77 3.33 25.46
C ASP B 4 8.63 4.51 24.51
N TYR B 5 8.35 5.69 25.06
CA TYR B 5 8.00 6.86 24.25
C TYR B 5 9.22 7.55 23.63
N CYS B 6 10.40 7.33 24.21
CA CYS B 6 11.56 8.13 23.86
C CYS B 6 12.80 7.31 23.58
N LEU B 7 12.89 6.16 24.22
CA LEU B 7 14.12 5.37 24.16
C LEU B 7 14.07 4.19 23.19
N ALA B 8 12.86 3.81 22.78
CA ALA B 8 12.68 2.67 21.87
C ALA B 8 13.27 3.00 20.51
N SER B 9 13.81 2.01 19.81
CA SER B 9 14.17 2.19 18.41
C SER B 9 12.93 2.54 17.59
N ASN B 10 13.12 3.21 16.45
CA ASN B 10 11.98 3.43 15.53
C ASN B 10 11.53 2.05 14.97
N LYS B 11 10.22 1.88 14.75
CA LYS B 11 9.70 0.64 14.18
C LYS B 11 8.87 0.88 12.92
N VAL B 12 9.40 0.40 11.81
CA VAL B 12 8.71 0.50 10.53
C VAL B 12 7.55 -0.52 10.47
N GLY B 13 7.85 -1.72 10.94
CA GLY B 13 6.86 -2.81 10.95
C GLY B 13 6.73 -3.47 9.59
N ARG B 14 5.68 -4.30 9.46
CA ARG B 14 5.51 -5.16 8.31
C ARG B 14 4.58 -4.58 7.25
N CYS B 15 3.62 -3.74 7.65
CA CYS B 15 2.69 -3.16 6.66
C CYS B 15 3.41 -2.23 5.71
N ARG B 16 2.88 -2.12 4.50
CA ARG B 16 3.57 -1.39 3.46
C ARG B 16 3.01 -0.01 3.12
N GLY B 17 2.39 0.66 4.08
CA GLY B 17 2.05 2.07 3.86
C GLY B 17 3.34 2.87 4.01
N SER B 18 3.34 4.16 3.63
CA SER B 18 4.51 5.05 3.84
C SER B 18 4.03 6.26 4.65
N PHE B 19 3.89 6.07 5.95
CA PHE B 19 3.42 7.11 6.86
C PHE B 19 4.63 7.88 7.41
N PRO B 20 4.82 9.15 6.99
CA PRO B 20 5.97 9.90 7.51
C PRO B 20 5.76 10.27 8.99
N ARG B 21 6.75 9.93 9.81
CA ARG B 21 6.63 10.06 11.25
C ARG B 21 7.95 10.54 11.79
N TRP B 22 7.97 10.81 13.09
CA TRP B 22 9.17 11.28 13.80
C TRP B 22 9.39 10.33 14.94
N TYR B 23 10.66 10.13 15.27
CA TYR B 23 11.01 9.43 16.48
C TYR B 23 12.14 10.20 17.18
N TYR B 24 12.24 10.02 18.49
CA TYR B 24 13.30 10.63 19.28
C TYR B 24 14.52 9.74 19.30
N ASP B 25 15.69 10.30 18.98
CA ASP B 25 16.92 9.53 19.06
C ASP B 25 17.74 10.04 20.25
N PRO B 26 17.78 9.28 21.36
CA PRO B 26 18.44 9.78 22.56
C PRO B 26 19.95 9.88 22.38
N THR B 27 20.54 9.23 21.37
CA THR B 27 22.00 9.35 21.16
C THR B 27 22.33 10.69 20.53
N GLU B 28 21.33 11.30 19.86
CA GLU B 28 21.52 12.60 19.17
C GLU B 28 20.78 13.73 19.88
N GLN B 29 19.89 13.35 20.80
CA GLN B 29 18.95 14.25 21.49
C GLN B 29 18.16 15.16 20.54
N ILE B 30 17.75 14.60 19.41
CA ILE B 30 16.85 15.31 18.51
C ILE B 30 15.84 14.32 17.96
N CYS B 31 14.76 14.85 17.43
CA CYS B 31 13.76 14.07 16.74
C CYS B 31 14.11 14.01 15.27
N LYS B 32 14.00 12.81 14.72
CA LYS B 32 14.30 12.53 13.33
C LYS B 32 13.14 11.87 12.58
N SER B 33 13.15 12.00 11.25
CA SER B 33 12.08 11.47 10.45
C SER B 33 12.31 9.98 10.15
N PHE B 34 11.23 9.23 10.07
CA PHE B 34 11.28 7.86 9.56
C PHE B 34 9.95 7.54 8.88
N VAL B 35 9.88 6.40 8.21
CA VAL B 35 8.65 6.08 7.49
C VAL B 35 8.07 4.82 8.13
N TYR B 36 6.89 4.99 8.71
CA TYR B 36 6.15 3.93 9.36
C TYR B 36 5.24 3.17 8.38
N GLY B 37 5.22 1.84 8.49
CA GLY B 37 4.44 1.00 7.55
C GLY B 37 2.95 1.08 7.81
N GLY B 38 2.58 1.46 9.03
CA GLY B 38 1.17 1.66 9.39
C GLY B 38 0.55 0.69 10.39
N CYS B 39 1.27 -0.39 10.74
CA CYS B 39 0.71 -1.42 11.65
C CYS B 39 1.71 -1.81 12.71
N LEU B 40 1.21 -1.97 13.93
CA LEU B 40 1.93 -2.59 15.04
C LEU B 40 3.15 -1.79 15.47
N GLY B 41 3.08 -0.47 15.36
CA GLY B 41 4.22 0.38 15.72
C GLY B 41 4.40 0.46 17.22
N ASN B 42 5.51 1.04 17.65
CA ASN B 42 5.73 1.26 19.08
C ASN B 42 5.40 2.71 19.45
N LYS B 43 5.73 3.14 20.67
CA LYS B 43 5.29 4.46 21.13
C LYS B 43 6.22 5.62 20.70
N ASN B 44 7.41 5.30 20.22
CA ASN B 44 8.32 6.38 19.80
C ASN B 44 8.02 6.67 18.33
N ASN B 45 6.89 7.33 18.10
CA ASN B 45 6.33 7.41 16.76
C ASN B 45 5.36 8.56 16.83
N TYR B 46 5.73 9.69 16.23
CA TYR B 46 4.95 10.90 16.33
C TYR B 46 4.58 11.43 14.97
N LEU B 47 3.35 11.94 14.89
CA LEU B 47 2.86 12.59 13.69
C LEU B 47 3.65 13.87 13.27
N ARG B 48 3.99 14.70 14.25
CA ARG B 48 4.75 15.91 13.99
C ARG B 48 6.01 15.99 14.85
N GLU B 49 7.05 16.63 14.31
CA GLU B 49 8.30 16.82 15.04
C GLU B 49 8.08 17.56 16.36
N GLU B 50 7.19 18.54 16.38
CA GLU B 50 6.91 19.32 17.61
C GLU B 50 6.38 18.48 18.75
N GLU B 51 5.55 17.46 18.43
CA GLU B 51 5.04 16.57 19.47
C GLU B 51 6.15 15.69 19.98
N CYS B 52 7.03 15.26 19.08
CA CYS B 52 8.13 14.40 19.45
C CYS B 52 9.03 15.19 20.41
N ILE B 53 9.30 16.43 20.03
CA ILE B 53 10.14 17.36 20.81
C ILE B 53 9.55 17.61 22.20
N LEU B 54 8.27 18.00 22.26
CA LEU B 54 7.54 18.12 23.55
C LEU B 54 7.63 16.86 24.39
N ALA B 55 7.46 15.69 23.77
CA ALA B 55 7.40 14.45 24.53
C ALA B 55 8.76 14.07 25.10
N CYS B 56 9.82 14.34 24.36
CA CYS B 56 11.09 13.74 24.69
C CYS B 56 12.28 14.68 24.96
N ARG B 57 12.13 15.98 24.82
CA ARG B 57 13.31 16.84 24.96
C ARG B 57 14.06 16.59 26.26
N GLY B 58 15.36 16.39 26.16
CA GLY B 58 16.22 16.26 27.32
C GLY B 58 16.53 14.83 27.74
N VAL B 59 15.72 13.88 27.26
CA VAL B 59 15.87 12.48 27.65
C VAL B 59 17.24 11.90 27.21
N GLN B 60 17.85 11.11 28.09
CA GLN B 60 19.15 10.50 27.80
C GLN B 60 19.11 8.97 27.81
N1 GSH C . -13.59 1.90 -20.19
CA1 GSH C . -14.65 1.18 -20.91
C1 GSH C . -15.99 1.60 -20.35
O11 GSH C . -16.93 0.79 -20.13
O12 GSH C . -16.20 2.81 -20.08
CB1 GSH C . -14.38 -0.32 -20.77
CG1 GSH C . -13.05 -0.71 -21.40
CD1 GSH C . -11.99 -0.86 -20.31
OE1 GSH C . -10.98 0.10 -20.17
N2 GSH C . -12.04 -1.90 -19.50
CA2 GSH C . -11.01 -2.06 -18.47
C2 GSH C . -9.78 -2.78 -18.99
O2 GSH C . -9.87 -3.59 -20.14
CB2 GSH C . -11.68 -2.78 -17.32
SG2 GSH C . -12.27 -4.43 -17.83
N3 GSH C . -8.63 -2.62 -18.35
CA3 GSH C . -7.52 -3.57 -18.44
C3 GSH C . -6.62 -3.35 -19.65
O31 GSH C . -6.62 -2.27 -20.27
O32 GSH C . -5.85 -4.25 -20.04
C1 GOL D . -2.48 -18.63 -5.62
O1 GOL D . -3.71 -18.32 -6.25
C2 GOL D . -2.51 -20.02 -4.99
O2 GOL D . -2.93 -19.87 -3.65
C3 GOL D . -1.10 -20.59 -5.01
O3 GOL D . -0.98 -21.72 -4.17
C1 GOL E . -2.93 3.33 9.58
O1 GOL E . -4.21 3.60 9.06
C2 GOL E . -2.64 4.41 10.58
O2 GOL E . -3.41 4.15 11.73
C3 GOL E . -1.14 4.47 10.84
O3 GOL E . -0.95 4.94 12.15
C1 PEG F . -2.73 17.06 -0.36
O1 PEG F . -2.78 17.29 -1.78
C2 PEG F . -3.70 15.95 0.05
O2 PEG F . -4.44 16.34 1.20
C3 PEG F . -5.86 16.25 1.05
C4 PEG F . -6.51 17.55 1.54
O4 PEG F . -7.84 17.69 1.01
C1 PEG G . 2.84 6.49 -15.97
O1 PEG G . 1.71 7.19 -16.51
C2 PEG G . 2.44 5.33 -15.07
O2 PEG G . 1.50 4.51 -15.75
C3 PEG G . 0.20 4.94 -15.36
C4 PEG G . -0.64 5.36 -16.55
O4 PEG G . -1.05 6.72 -16.41
C1 PGE H . 18.67 -11.07 -4.48
O1 PGE H . 19.31 -10.53 -5.63
C2 PGE H . 19.57 -10.82 -3.26
O2 PGE H . 18.84 -11.00 -2.05
C3 PGE H . 17.97 -9.93 -1.75
C4 PGE H . 18.62 -8.96 -0.77
O4 PGE H . 18.33 -4.57 -2.13
C6 PGE H . 17.62 -5.49 -1.29
C5 PGE H . 18.00 -6.89 -1.75
O3 PGE H . 17.79 -7.80 -0.67
C1 PEG I . 2.29 18.46 9.65
O1 PEG I . 3.67 18.70 9.96
C2 PEG I . 2.04 16.96 9.56
O2 PEG I . 0.74 16.76 9.02
C3 PEG I . -0.32 16.92 9.97
C4 PEG I . -1.67 16.99 9.26
O4 PEG I . -2.28 18.26 9.48
C1 PEG J . 4.72 -0.59 22.36
O1 PEG J . 4.67 -0.53 23.80
C2 PEG J . 3.30 -0.71 21.82
O2 PEG J . 2.77 0.57 21.50
C3 PEG J . 1.46 0.46 20.97
C4 PEG J . 0.90 1.86 20.77
O4 PEG J . 0.26 2.24 21.99
#